data_4ERL
#
_entry.id   4ERL
#
_cell.length_a   119.878
_cell.length_b   119.878
_cell.length_c   58.743
_cell.angle_alpha   90.00
_cell.angle_beta   90.00
_cell.angle_gamma   120.00
#
_symmetry.space_group_name_H-M   'P 32'
#
loop_
_entity.id
_entity.type
_entity.pdbx_description
1 polymer 'Lysine riboswitch RNA'
2 non-polymer LYSINE
3 non-polymer GLYCINE
4 water water
#
_entity_poly.entity_id   1
_entity_poly.type   'polyribonucleotide'
_entity_poly.pdbx_seq_one_letter_code
;GGACGGAGGCGCGCCCGAGAUGAGUAGGCUGUCCCAUCAGGGGAGGAAUCGGGGACGGCUGAAAGGCGAGGGCGCCGAAG
CGAGCAGAGUUCCUCCCGCUCUGCUUGGCUGGGGGUGAGGGGAAUACCCUUACCACUGUCGCGAAAGCGGAGAGCCGUCC
A
;
_entity_poly.pdbx_strand_id   A
#